data_8R6D
#
_entry.id   8R6D
#
_entity_poly.entity_id   1
_entity_poly.type   'polydeoxyribonucleotide'
_entity_poly.pdbx_seq_one_letter_code
;(DG)(DG)(DG)(DC)(DG)(DC)(DG)(DA)(DA)(DG)(DC)(DA)(DT)(DT)(DC)(DG)(DC)(DG)(DG)(DG)
(DG)(DT)(DT)(DA)(DG)(DG)(DG)(DT)(DG)(DG)(DG)
;
_entity_poly.pdbx_strand_id   A
#
loop_
_chem_comp.id
_chem_comp.type
_chem_comp.name
_chem_comp.formula
DA DNA linking 2'-DEOXYADENOSINE-5'-MONOPHOSPHATE 'C10 H14 N5 O6 P'
DC DNA linking 2'-DEOXYCYTIDINE-5'-MONOPHOSPHATE 'C9 H14 N3 O7 P'
DG DNA linking 2'-DEOXYGUANOSINE-5'-MONOPHOSPHATE 'C10 H14 N5 O7 P'
DT DNA linking THYMIDINE-5'-MONOPHOSPHATE 'C10 H15 N2 O8 P'
#